data_3CNO
#
_entry.id   3CNO
#
_cell.length_a   34.222
_cell.length_b   76.660
_cell.length_c   104.895
_cell.angle_alpha   90.000
_cell.angle_beta   90.000
_cell.angle_gamma   90.000
#
_symmetry.space_group_name_H-M   'P 21 21 21'
#
loop_
_entity.id
_entity.type
_entity.pdbx_description
1 polymer 'Putative uncharacterized protein'
2 non-polymer "GUANOSINE-5'-DIPHOSPHATE"
3 water water
#
_entity_poly.entity_id   1
_entity_poly.type   'polypeptide(L)'
_entity_poly.pdbx_seq_one_letter_code
;MSWYPGHIEKAKRQIKDLLRLVNTVVEVRDARAPFATSAYGVDFSRKETIILLNKVDIADEKTTKKWVEFFKKQGKRVIT
THKGEPRKVLLKKLSFDRLARVLIVGVPNTGKSTIINKLKGKRASSVGAQPGITKGIQWFSLENGVKILDTPGILYKNIF
SEDLAAKLLLVGSLPVERIEDQRIFERAFEIFARSIGIESSFSEFFEDFARKRGLLKKGGVPDIERALMLFFTEVAQGKA
GRVSFERPEDITPVQQEQTRGV
;
_entity_poly.pdbx_strand_id   A
#
# COMPACT_ATOMS: atom_id res chain seq x y z
N ARG A 13 19.46 -2.40 -10.95
CA ARG A 13 18.86 -1.80 -12.18
C ARG A 13 17.35 -1.57 -11.97
N GLN A 14 16.99 -0.64 -11.08
CA GLN A 14 17.91 0.08 -10.19
C GLN A 14 17.75 -0.35 -8.73
N ILE A 15 16.70 -1.13 -8.48
CA ILE A 15 16.50 -1.80 -7.19
C ILE A 15 17.53 -2.92 -7.04
N LYS A 16 17.95 -3.48 -8.17
CA LYS A 16 19.00 -4.51 -8.17
C LYS A 16 20.37 -3.94 -7.77
N ASP A 17 20.56 -2.64 -8.03
CA ASP A 17 21.76 -1.94 -7.58
C ASP A 17 21.74 -1.74 -6.06
N LEU A 18 20.59 -1.32 -5.55
CA LEU A 18 20.40 -1.05 -4.14
C LEU A 18 20.42 -2.30 -3.27
N LEU A 19 19.94 -3.42 -3.81
CA LEU A 19 19.93 -4.71 -3.10
C LEU A 19 21.33 -5.21 -2.81
N ARG A 20 22.24 -4.90 -3.74
CA ARG A 20 23.68 -5.20 -3.60
C ARG A 20 24.25 -4.58 -2.32
N LEU A 21 23.70 -3.43 -1.92
CA LEU A 21 24.20 -2.70 -0.75
C LEU A 21 23.67 -3.18 0.61
N VAL A 22 22.64 -4.01 0.61
CA VAL A 22 21.97 -4.37 1.87
C VAL A 22 21.96 -5.87 2.17
N ASN A 23 21.74 -6.21 3.44
CA ASN A 23 21.51 -7.60 3.86
C ASN A 23 20.11 -7.81 4.41
N THR A 24 19.41 -6.71 4.65
CA THR A 24 18.04 -6.71 5.16
C THR A 24 17.15 -5.89 4.25
N VAL A 25 15.92 -6.37 4.04
CA VAL A 25 14.91 -5.66 3.26
C VAL A 25 13.60 -5.51 4.02
N VAL A 26 13.07 -4.30 4.05
CA VAL A 26 11.75 -4.10 4.63
C VAL A 26 10.75 -3.83 3.51
N GLU A 27 9.85 -4.80 3.30
CA GLU A 27 8.90 -4.75 2.20
C GLU A 27 7.62 -4.08 2.69
N VAL A 28 7.42 -2.83 2.27
CA VAL A 28 6.28 -2.04 2.73
C VAL A 28 5.08 -2.24 1.84
N ARG A 29 4.16 -3.07 2.32
CA ARG A 29 2.93 -3.37 1.58
C ARG A 29 1.78 -2.60 2.21
N ASP A 30 0.71 -2.42 1.46
CA ASP A 30 -0.54 -1.91 2.00
C ASP A 30 -1.32 -3.09 2.58
N ALA A 31 -1.66 -3.00 3.87
CA ALA A 31 -2.40 -4.07 4.58
C ALA A 31 -3.75 -4.42 3.93
N ARG A 32 -4.32 -3.47 3.20
CA ARG A 32 -5.61 -3.69 2.52
C ARG A 32 -5.47 -4.57 1.27
N ALA A 33 -4.27 -4.62 0.70
CA ALA A 33 -4.01 -5.48 -0.46
C ALA A 33 -2.56 -6.03 -0.47
N PRO A 34 -2.28 -7.03 0.39
CA PRO A 34 -0.92 -7.58 0.55
C PRO A 34 -0.34 -8.25 -0.70
N PHE A 35 -1.19 -8.69 -1.61
CA PHE A 35 -0.71 -9.38 -2.81
C PHE A 35 -0.42 -8.43 -3.96
N ALA A 36 -1.33 -7.48 -4.19
CA ALA A 36 -1.15 -6.43 -5.20
C ALA A 36 0.02 -5.52 -4.89
N THR A 37 0.25 -5.27 -3.59
CA THR A 37 1.36 -4.43 -3.13
C THR A 37 2.62 -5.19 -2.66
N SER A 38 2.68 -6.50 -2.92
CA SER A 38 3.90 -7.28 -2.69
C SER A 38 4.94 -6.92 -3.74
N ALA A 39 6.22 -7.13 -3.43
CA ALA A 39 7.29 -6.84 -4.39
C ALA A 39 7.59 -8.07 -5.24
N TYR A 40 6.55 -8.56 -5.93
CA TYR A 40 6.66 -9.71 -6.82
C TYR A 40 7.56 -9.35 -8.00
N GLY A 41 8.32 -10.35 -8.45
CA GLY A 41 9.30 -10.17 -9.53
C GLY A 41 10.68 -10.08 -8.94
N VAL A 42 10.90 -9.05 -8.12
CA VAL A 42 12.21 -8.79 -7.52
C VAL A 42 12.56 -9.77 -6.40
N ASP A 43 13.84 -10.12 -6.34
CA ASP A 43 14.37 -11.24 -5.57
C ASP A 43 15.04 -10.84 -4.25
N PHE A 44 14.43 -11.28 -3.14
CA PHE A 44 14.98 -11.07 -1.80
C PHE A 44 15.31 -12.42 -1.15
N SER A 45 15.41 -13.48 -1.96
CA SER A 45 15.62 -14.84 -1.43
C SER A 45 16.89 -14.95 -0.58
N ARG A 46 17.90 -14.14 -0.89
CA ARG A 46 19.14 -14.12 -0.11
C ARG A 46 19.34 -12.82 0.69
N LYS A 47 18.24 -12.32 1.27
CA LYS A 47 18.26 -11.19 2.19
C LYS A 47 17.36 -11.52 3.36
N GLU A 48 17.65 -10.94 4.52
CA GLU A 48 16.72 -11.02 5.65
C GLU A 48 15.54 -10.09 5.34
N THR A 49 14.35 -10.68 5.25
CA THR A 49 13.17 -9.96 4.78
C THR A 49 12.06 -9.85 5.85
N ILE A 50 11.63 -8.62 6.09
CA ILE A 50 10.48 -8.32 6.92
C ILE A 50 9.32 -7.83 6.05
N ILE A 51 8.19 -8.52 6.16
CA ILE A 51 6.99 -8.06 5.50
C ILE A 51 6.28 -7.11 6.45
N LEU A 52 6.18 -5.87 6.00
CA LEU A 52 5.54 -4.83 6.75
C LEU A 52 4.16 -4.54 6.14
N LEU A 53 3.11 -4.90 6.88
CA LEU A 53 1.74 -4.55 6.47
C LEU A 53 1.40 -3.18 7.08
N ASN A 54 1.39 -2.15 6.23
CA ASN A 54 1.21 -0.75 6.64
C ASN A 54 -0.23 -0.27 6.48
N LYS A 55 -0.53 0.87 7.11
CA LYS A 55 -1.84 1.52 7.02
C LYS A 55 -2.94 0.67 7.65
N VAL A 56 -2.59 0.00 8.74
CA VAL A 56 -3.57 -0.84 9.46
C VAL A 56 -4.73 -0.02 10.02
N ASP A 57 -4.50 1.28 10.20
CA ASP A 57 -5.52 2.23 10.67
C ASP A 57 -6.70 2.42 9.72
N ILE A 58 -6.48 2.16 8.42
CA ILE A 58 -7.54 2.35 7.43
C ILE A 58 -7.96 1.03 6.76
N ALA A 59 -7.46 -0.07 7.29
CA ALA A 59 -7.77 -1.41 6.78
C ALA A 59 -8.82 -2.14 7.66
N ASP A 60 -9.43 -3.19 7.13
CA ASP A 60 -10.34 -4.03 7.92
C ASP A 60 -9.54 -4.87 8.91
N GLU A 61 -9.71 -4.61 10.20
CA GLU A 61 -8.91 -5.23 11.26
C GLU A 61 -8.92 -6.75 11.18
N LYS A 62 -10.10 -7.31 10.98
CA LYS A 62 -10.28 -8.75 10.93
C LYS A 62 -9.51 -9.34 9.75
N THR A 63 -9.66 -8.74 8.57
CA THR A 63 -8.89 -9.13 7.38
C THR A 63 -7.39 -9.06 7.64
N THR A 64 -6.94 -7.97 8.27
CA THR A 64 -5.52 -7.79 8.60
C THR A 64 -4.99 -8.87 9.53
N LYS A 65 -5.83 -9.28 10.49
CA LYS A 65 -5.53 -10.38 11.42
C LYS A 65 -5.34 -11.68 10.65
N LYS A 66 -6.20 -11.91 9.66
CA LYS A 66 -6.06 -13.05 8.76
C LYS A 66 -4.77 -13.00 7.96
N TRP A 67 -4.37 -11.81 7.51
CA TRP A 67 -3.15 -11.67 6.74
C TRP A 67 -1.90 -11.99 7.55
N VAL A 68 -1.86 -11.50 8.79
CA VAL A 68 -0.76 -11.78 9.73
C VAL A 68 -0.54 -13.29 9.89
N GLU A 69 -1.59 -14.00 10.34
CA GLU A 69 -1.49 -15.44 10.54
C GLU A 69 -1.21 -16.20 9.25
N PHE A 70 -1.74 -15.71 8.12
CA PHE A 70 -1.40 -16.26 6.81
C PHE A 70 0.10 -16.24 6.54
N PHE A 71 0.76 -15.13 6.91
CA PHE A 71 2.22 -15.04 6.73
C PHE A 71 3.02 -15.79 7.79
N LYS A 72 2.57 -15.74 9.04
CA LYS A 72 3.23 -16.45 10.14
C LYS A 72 3.17 -17.96 9.92
N LYS A 73 2.01 -18.45 9.49
CA LYS A 73 1.83 -19.86 9.15
C LYS A 73 2.75 -20.30 8.00
N GLN A 74 3.19 -19.36 7.16
CA GLN A 74 4.12 -19.66 6.07
C GLN A 74 5.55 -19.64 6.55
N GLY A 75 5.74 -19.30 7.83
CA GLY A 75 7.06 -19.23 8.46
C GLY A 75 7.73 -17.87 8.26
N LYS A 76 7.00 -16.96 7.62
CA LYS A 76 7.56 -15.68 7.21
C LYS A 76 7.57 -14.70 8.37
N ARG A 77 8.42 -13.69 8.26
CA ARG A 77 8.54 -12.66 9.28
C ARG A 77 7.66 -11.50 8.82
N VAL A 78 6.70 -11.13 9.66
CA VAL A 78 5.67 -10.18 9.29
C VAL A 78 5.37 -9.25 10.46
N ILE A 79 5.18 -7.97 10.16
CA ILE A 79 4.77 -6.98 11.16
C ILE A 79 3.64 -6.14 10.59
N THR A 80 2.94 -5.42 11.46
CA THR A 80 1.89 -4.48 11.08
C THR A 80 2.17 -3.16 11.77
N THR A 81 1.80 -2.06 11.11
CA THR A 81 2.05 -0.75 11.65
C THR A 81 1.25 0.31 10.91
N HIS A 82 1.35 1.55 11.35
CA HIS A 82 0.70 2.66 10.67
C HIS A 82 1.40 3.96 11.04
N LYS A 83 1.04 5.03 10.34
CA LYS A 83 1.62 6.35 10.48
C LYS A 83 1.78 6.74 11.94
N GLY A 84 0.70 6.58 12.69
CA GLY A 84 0.57 7.09 14.06
C GLY A 84 1.18 6.24 15.15
N GLU A 85 1.76 5.10 14.78
CA GLU A 85 2.43 4.24 15.74
C GLU A 85 3.78 4.86 16.14
N PRO A 86 4.09 4.91 17.45
CA PRO A 86 5.31 5.57 17.89
C PRO A 86 6.59 4.93 17.33
N ARG A 87 7.59 5.76 17.10
CA ARG A 87 8.89 5.30 16.59
C ARG A 87 9.45 4.10 17.38
N LYS A 88 9.36 4.15 18.71
CA LYS A 88 9.82 3.09 19.62
C LYS A 88 9.17 1.75 19.33
N VAL A 89 7.85 1.78 19.13
CA VAL A 89 7.05 0.59 18.88
C VAL A 89 7.45 -0.05 17.54
N LEU A 90 7.67 0.79 16.52
CA LEU A 90 8.03 0.35 15.18
C LEU A 90 9.40 -0.33 15.20
N LEU A 91 10.34 0.31 15.90
CA LEU A 91 11.69 -0.20 16.06
C LEU A 91 11.74 -1.55 16.75
N LYS A 92 10.89 -1.73 17.75
CA LYS A 92 10.78 -2.99 18.50
C LYS A 92 10.21 -4.10 17.63
N LYS A 93 9.14 -3.78 16.90
CA LYS A 93 8.55 -4.67 15.92
C LYS A 93 9.57 -5.08 14.86
N LEU A 94 10.36 -4.10 14.39
CA LEU A 94 11.39 -4.37 13.39
C LEU A 94 12.50 -5.28 13.94
N SER A 95 12.98 -4.97 15.15
CA SER A 95 14.09 -5.70 15.81
C SER A 95 15.21 -6.04 14.82
N PHE A 96 15.90 -5.01 14.33
CA PHE A 96 17.01 -5.18 13.42
C PHE A 96 18.25 -5.68 14.14
N ASP A 97 18.92 -6.65 13.54
CA ASP A 97 20.25 -7.05 13.98
C ASP A 97 21.17 -5.82 13.98
N ARG A 98 22.15 -5.81 14.87
CA ARG A 98 23.10 -4.71 14.95
C ARG A 98 23.94 -4.56 13.67
N LEU A 99 24.01 -5.64 12.89
CA LEU A 99 24.75 -5.60 11.63
C LEU A 99 23.84 -5.53 10.39
N ALA A 100 22.56 -5.32 10.60
CA ALA A 100 21.62 -5.08 9.49
C ALA A 100 21.98 -3.81 8.73
N ARG A 101 21.91 -3.91 7.40
CA ARG A 101 21.88 -2.75 6.52
C ARG A 101 20.62 -2.89 5.70
N VAL A 102 19.81 -1.83 5.70
CA VAL A 102 18.39 -1.94 5.35
C VAL A 102 17.96 -1.18 4.10
N LEU A 103 17.25 -1.88 3.22
CA LEU A 103 16.48 -1.26 2.15
C LEU A 103 14.99 -1.29 2.47
N ILE A 104 14.35 -0.13 2.38
CA ILE A 104 12.90 -0.02 2.44
C ILE A 104 12.37 -0.08 1.01
N VAL A 105 11.58 -1.10 0.70
CA VAL A 105 11.12 -1.27 -0.68
C VAL A 105 9.59 -1.39 -0.77
N GLY A 106 9.05 -1.08 -1.94
CA GLY A 106 7.62 -1.23 -2.22
C GLY A 106 7.14 -0.50 -3.46
N VAL A 107 5.87 -0.71 -3.78
CA VAL A 107 5.18 0.05 -4.84
C VAL A 107 4.92 1.51 -4.39
N PRO A 108 4.68 2.44 -5.36
CA PRO A 108 4.39 3.83 -4.97
C PRO A 108 3.24 3.99 -3.97
N ASN A 109 3.39 5.00 -3.10
CA ASN A 109 2.35 5.53 -2.18
C ASN A 109 1.87 4.62 -1.03
N THR A 110 2.75 3.71 -0.67
CA THR A 110 2.45 2.64 0.24
C THR A 110 2.91 3.01 1.68
N GLY A 111 3.63 4.12 1.79
CA GLY A 111 3.93 4.75 3.08
C GLY A 111 5.42 4.70 3.44
N LYS A 112 6.24 4.51 2.42
CA LYS A 112 7.68 4.32 2.58
C LYS A 112 8.42 5.57 3.04
N SER A 113 8.13 6.73 2.46
CA SER A 113 8.77 7.98 2.90
C SER A 113 8.40 8.26 4.35
N THR A 114 7.10 8.16 4.66
CA THR A 114 6.62 8.38 6.02
C THR A 114 7.38 7.50 7.02
N ILE A 115 7.60 6.24 6.67
CA ILE A 115 8.36 5.31 7.50
C ILE A 115 9.84 5.74 7.64
N ILE A 116 10.53 5.98 6.52
CA ILE A 116 11.89 6.51 6.58
C ILE A 116 11.98 7.75 7.47
N ASN A 117 11.05 8.70 7.30
CA ASN A 117 11.08 9.93 8.10
C ASN A 117 10.99 9.69 9.61
N LYS A 118 10.18 8.71 10.01
CA LYS A 118 9.95 8.40 11.42
C LYS A 118 11.20 7.76 12.03
N LEU A 119 11.80 6.83 11.29
CA LEU A 119 13.03 6.16 11.71
C LEU A 119 14.22 7.11 11.80
N LYS A 120 14.19 8.16 10.97
CA LYS A 120 15.38 8.92 10.58
C LYS A 120 16.16 9.77 11.61
N GLY A 121 15.55 10.80 12.30
CA GLY A 121 14.12 10.83 12.53
C GLY A 121 13.56 12.25 12.50
N LYS A 122 14.24 13.36 12.25
CA LYS A 122 15.41 13.33 11.38
C LYS A 122 16.68 13.70 12.14
N ARG A 123 17.75 12.90 11.66
CA ARG A 123 19.15 13.16 11.95
C ARG A 123 19.96 12.94 10.66
N ALA A 124 21.25 13.26 10.70
CA ALA A 124 22.14 13.15 9.53
C ALA A 124 22.44 11.69 9.19
N GLY A 136 25.37 11.01 -4.88
CA GLY A 136 25.78 9.73 -4.32
C GLY A 136 24.81 9.23 -3.27
N ILE A 137 24.66 7.90 -3.20
CA ILE A 137 23.64 7.26 -2.34
C ILE A 137 23.86 7.48 -0.84
N GLN A 138 22.80 7.92 -0.18
CA GLN A 138 22.87 8.36 1.21
C GLN A 138 22.30 7.33 2.19
N TRP A 139 22.84 7.34 3.40
CA TRP A 139 22.33 6.48 4.47
C TRP A 139 22.02 7.33 5.69
N PHE A 140 21.46 6.69 6.69
CA PHE A 140 21.40 7.22 8.05
C PHE A 140 21.56 6.07 9.05
N SER A 141 21.87 6.41 10.30
CA SER A 141 22.12 5.41 11.33
C SER A 141 21.14 5.51 12.47
N LEU A 142 20.82 4.36 13.05
CA LEU A 142 20.07 4.30 14.29
C LEU A 142 21.05 4.35 15.47
N GLU A 143 20.52 4.58 16.67
CA GLU A 143 21.34 4.79 17.87
C GLU A 143 22.35 3.68 18.13
N ASN A 144 22.01 2.47 17.67
CA ASN A 144 22.90 1.31 17.77
C ASN A 144 23.75 1.05 16.50
N GLY A 145 23.67 1.95 15.53
CA GLY A 145 24.56 1.89 14.37
C GLY A 145 24.07 1.18 13.13
N VAL A 146 22.94 0.45 13.23
CA VAL A 146 22.37 -0.21 12.04
C VAL A 146 22.14 0.87 10.97
N LYS A 147 22.39 0.52 9.73
CA LYS A 147 22.39 1.49 8.64
C LYS A 147 21.17 1.30 7.75
N ILE A 148 20.46 2.40 7.48
CA ILE A 148 19.29 2.36 6.61
C ILE A 148 19.47 3.32 5.43
N LEU A 149 19.21 2.81 4.22
CA LEU A 149 19.22 3.63 3.01
C LEU A 149 18.16 4.72 3.07
N ASP A 150 18.59 5.95 2.87
CA ASP A 150 17.79 7.17 3.02
C ASP A 150 16.59 7.27 2.06
N THR A 151 16.71 6.65 0.89
CA THR A 151 15.70 6.71 -0.14
C THR A 151 15.19 5.28 -0.35
N PRO A 152 13.86 5.11 -0.39
CA PRO A 152 13.28 3.78 -0.60
C PRO A 152 13.37 3.36 -2.06
N GLY A 153 13.58 2.07 -2.30
CA GLY A 153 13.46 1.53 -3.65
C GLY A 153 12.01 1.47 -4.07
N ILE A 154 11.68 2.11 -5.19
CA ILE A 154 10.32 2.15 -5.72
C ILE A 154 10.10 1.09 -6.80
N LEU A 155 9.08 0.28 -6.62
CA LEU A 155 8.85 -0.87 -7.48
C LEU A 155 7.66 -0.60 -8.39
N TYR A 156 7.90 -0.72 -9.70
CA TYR A 156 6.88 -0.59 -10.74
C TYR A 156 6.60 -1.95 -11.34
N LYS A 157 5.33 -2.32 -11.36
CA LYS A 157 4.93 -3.66 -11.73
C LYS A 157 4.41 -3.70 -13.16
N ASN A 158 4.63 -4.83 -13.83
CA ASN A 158 3.88 -5.11 -15.04
C ASN A 158 2.45 -5.35 -14.62
N ILE A 159 1.57 -4.44 -15.03
CA ILE A 159 0.15 -4.62 -14.79
C ILE A 159 -0.46 -5.49 -15.91
N PHE A 160 -0.44 -6.80 -15.68
CA PHE A 160 -0.88 -7.78 -16.67
C PHE A 160 -2.39 -7.97 -16.62
N SER A 161 -2.97 -7.80 -15.44
CA SER A 161 -4.41 -7.96 -15.24
C SER A 161 -5.07 -6.64 -14.87
N GLU A 162 -6.33 -6.50 -15.28
CA GLU A 162 -7.11 -5.33 -14.91
C GLU A 162 -7.47 -5.38 -13.43
N ASP A 163 -7.40 -6.58 -12.85
CA ASP A 163 -7.60 -6.77 -11.42
C ASP A 163 -6.49 -6.12 -10.59
N LEU A 164 -5.24 -6.28 -11.05
CA LEU A 164 -4.07 -5.67 -10.41
C LEU A 164 -4.12 -4.16 -10.53
N ALA A 165 -4.43 -3.64 -11.73
CA ALA A 165 -4.61 -2.20 -11.93
C ALA A 165 -5.66 -1.62 -11.00
N ALA A 166 -6.78 -2.35 -10.85
CA ALA A 166 -7.91 -1.96 -10.00
C ALA A 166 -7.48 -1.88 -8.54
N LYS A 167 -6.73 -2.90 -8.13
CA LYS A 167 -6.23 -2.99 -6.77
C LYS A 167 -5.13 -1.98 -6.47
N LEU A 168 -4.32 -1.63 -7.45
CA LEU A 168 -3.33 -0.57 -7.26
C LEU A 168 -4.02 0.80 -7.24
N LEU A 169 -5.13 0.92 -7.96
CA LEU A 169 -5.97 2.13 -7.91
C LEU A 169 -6.59 2.32 -6.52
N LEU A 170 -7.17 1.25 -5.99
CA LEU A 170 -7.85 1.26 -4.69
C LEU A 170 -6.95 1.65 -3.53
N VAL A 171 -5.67 1.31 -3.62
CA VAL A 171 -4.70 1.65 -2.57
C VAL A 171 -3.85 2.87 -2.92
N GLY A 172 -4.11 3.48 -4.07
CA GLY A 172 -3.48 4.77 -4.40
C GLY A 172 -2.06 4.68 -4.95
N SER A 173 -1.65 3.47 -5.30
CA SER A 173 -0.38 3.24 -5.95
C SER A 173 -0.47 3.74 -7.39
N LEU A 174 -1.62 3.48 -8.00
CA LEU A 174 -1.91 3.91 -9.35
C LEU A 174 -2.88 5.09 -9.26
N PRO A 175 -2.42 6.31 -9.58
CA PRO A 175 -3.24 7.52 -9.37
C PRO A 175 -4.42 7.57 -10.36
N VAL A 176 -5.52 8.22 -9.97
CA VAL A 176 -6.74 8.25 -10.80
C VAL A 176 -6.55 8.92 -12.15
N GLU A 177 -5.57 9.82 -12.21
CA GLU A 177 -5.27 10.56 -13.43
C GLU A 177 -4.74 9.65 -14.55
N ARG A 178 -4.13 8.54 -14.16
CA ARG A 178 -3.55 7.57 -15.11
C ARG A 178 -4.55 6.58 -15.72
N ILE A 179 -5.77 6.52 -15.19
CA ILE A 179 -6.78 5.55 -15.68
C ILE A 179 -7.54 6.07 -16.89
N GLU A 180 -7.38 5.36 -18.02
CA GLU A 180 -8.01 5.73 -19.30
C GLU A 180 -9.17 4.79 -19.60
N ASP A 181 -9.09 3.59 -19.05
CA ASP A 181 -9.98 2.50 -19.37
C ASP A 181 -11.05 2.38 -18.28
N GLN A 182 -12.31 2.46 -18.68
CA GLN A 182 -13.39 2.46 -17.71
C GLN A 182 -13.65 1.10 -17.03
N ARG A 183 -13.15 0.03 -17.63
CA ARG A 183 -13.22 -1.30 -17.04
C ARG A 183 -12.41 -1.44 -15.74
N ILE A 184 -11.33 -0.68 -15.64
CA ILE A 184 -10.52 -0.68 -14.41
C ILE A 184 -11.28 -0.02 -13.24
N PHE A 185 -11.96 1.08 -13.53
CA PHE A 185 -12.89 1.69 -12.59
C PHE A 185 -13.98 0.73 -12.12
N GLU A 186 -14.46 -0.10 -13.04
CA GLU A 186 -15.55 -1.05 -12.76
C GLU A 186 -15.10 -2.21 -11.88
N ARG A 187 -13.90 -2.73 -12.19
CA ARG A 187 -13.29 -3.81 -11.43
C ARG A 187 -13.00 -3.30 -10.03
N ALA A 188 -12.49 -2.07 -9.96
CA ALA A 188 -12.15 -1.43 -8.68
C ALA A 188 -13.39 -1.28 -7.80
N PHE A 189 -14.49 -0.83 -8.39
CA PHE A 189 -15.75 -0.73 -7.67
C PHE A 189 -16.28 -2.10 -7.24
N GLU A 190 -16.23 -3.06 -8.15
CA GLU A 190 -16.68 -4.44 -7.88
C GLU A 190 -15.92 -5.04 -6.69
N ILE A 191 -14.60 -4.81 -6.63
CA ILE A 191 -13.79 -5.20 -5.46
C ILE A 191 -14.23 -4.43 -4.20
N PHE A 192 -14.33 -3.11 -4.31
CA PHE A 192 -14.82 -2.28 -3.21
C PHE A 192 -16.18 -2.78 -2.70
N ALA A 193 -17.15 -2.89 -3.62
CA ALA A 193 -18.50 -3.30 -3.31
C ALA A 193 -18.56 -4.65 -2.59
N ARG A 194 -17.77 -5.63 -3.04
CA ARG A 194 -17.76 -6.94 -2.40
C ARG A 194 -17.20 -6.86 -0.98
N SER A 195 -16.13 -6.08 -0.83
CA SER A 195 -15.49 -5.92 0.48
C SER A 195 -16.41 -5.27 1.50
N ILE A 196 -17.18 -4.28 1.05
CA ILE A 196 -17.99 -3.48 1.97
C ILE A 196 -19.44 -3.99 2.08
N GLY A 197 -19.89 -4.77 1.09
CA GLY A 197 -21.21 -5.39 1.11
C GLY A 197 -22.26 -4.76 0.20
N ILE A 198 -21.81 -3.90 -0.72
CA ILE A 198 -22.72 -3.21 -1.63
C ILE A 198 -23.21 -4.13 -2.77
N GLU A 199 -24.52 -4.14 -2.98
CA GLU A 199 -25.10 -4.95 -4.04
C GLU A 199 -25.70 -4.12 -5.17
N SER A 200 -25.63 -2.79 -5.02
CA SER A 200 -26.10 -1.89 -6.07
C SER A 200 -25.07 -1.77 -7.17
N SER A 201 -25.55 -1.38 -8.35
CA SER A 201 -24.76 -1.37 -9.56
C SER A 201 -23.82 -0.18 -9.62
N PHE A 202 -22.85 -0.28 -10.52
CA PHE A 202 -21.88 0.75 -10.81
C PHE A 202 -22.57 2.09 -11.08
N SER A 203 -23.56 2.07 -11.97
CA SER A 203 -24.31 3.26 -12.36
C SER A 203 -25.05 3.94 -11.20
N GLU A 204 -25.86 3.16 -10.46
CA GLU A 204 -26.62 3.66 -9.32
C GLU A 204 -25.71 4.31 -8.31
N PHE A 205 -24.64 3.59 -7.97
CA PHE A 205 -23.71 4.03 -6.94
C PHE A 205 -23.05 5.35 -7.32
N PHE A 206 -22.53 5.45 -8.55
CA PHE A 206 -21.80 6.65 -8.93
C PHE A 206 -22.68 7.85 -9.23
N GLU A 207 -23.89 7.62 -9.75
CA GLU A 207 -24.87 8.69 -9.84
C GLU A 207 -25.18 9.28 -8.46
N ASP A 208 -25.42 8.39 -7.49
CA ASP A 208 -25.70 8.80 -6.13
C ASP A 208 -24.53 9.59 -5.53
N PHE A 209 -23.30 9.07 -5.71
CA PHE A 209 -22.11 9.74 -5.20
C PHE A 209 -21.94 11.15 -5.78
N ALA A 210 -22.12 11.28 -7.10
CA ALA A 210 -22.07 12.58 -7.79
C ALA A 210 -23.12 13.53 -7.22
N ARG A 211 -24.34 13.01 -7.00
CA ARG A 211 -25.43 13.80 -6.40
C ARG A 211 -25.08 14.25 -5.00
N LYS A 212 -24.82 13.27 -4.13
CA LYS A 212 -24.49 13.56 -2.73
C LYS A 212 -23.40 14.60 -2.57
N ARG A 213 -22.44 14.63 -3.49
CA ARG A 213 -21.30 15.54 -3.34
C ARG A 213 -21.43 16.75 -4.22
N GLY A 214 -22.66 16.97 -4.72
CA GLY A 214 -22.97 18.09 -5.59
C GLY A 214 -22.11 18.21 -6.84
N LEU A 215 -21.66 17.07 -7.38
CA LEU A 215 -20.82 17.03 -8.57
C LEU A 215 -21.70 16.96 -9.80
N LEU A 216 -22.10 18.13 -10.26
CA LEU A 216 -23.04 18.24 -11.36
C LEU A 216 -22.44 19.08 -12.46
N LYS A 217 -22.84 18.79 -13.69
CA LYS A 217 -22.55 19.67 -14.79
C LYS A 217 -23.84 20.36 -15.22
N LYS A 218 -23.74 21.26 -16.21
CA LYS A 218 -24.90 22.00 -16.72
C LYS A 218 -26.13 21.10 -16.97
N GLY A 219 -27.29 21.58 -16.53
CA GLY A 219 -28.55 20.84 -16.66
C GLY A 219 -28.77 19.87 -15.52
N GLY A 220 -27.97 20.00 -14.47
CA GLY A 220 -28.05 19.13 -13.29
C GLY A 220 -27.78 17.67 -13.61
N VAL A 221 -26.89 17.42 -14.57
CA VAL A 221 -26.52 16.05 -14.89
C VAL A 221 -25.33 15.64 -14.02
N PRO A 222 -25.48 14.51 -13.29
CA PRO A 222 -24.41 13.97 -12.44
C PRO A 222 -23.09 13.84 -13.19
N ASP A 223 -22.04 14.41 -12.62
CA ASP A 223 -20.72 14.34 -13.22
C ASP A 223 -20.06 13.04 -12.76
N ILE A 224 -20.23 11.99 -13.56
CA ILE A 224 -19.78 10.66 -13.21
C ILE A 224 -18.25 10.55 -13.18
N GLU A 225 -17.59 11.31 -14.06
CA GLU A 225 -16.14 11.32 -14.13
C GLU A 225 -15.45 11.94 -12.91
N ARG A 226 -15.89 13.14 -12.50
CA ARG A 226 -15.49 13.73 -11.22
C ARG A 226 -15.74 12.78 -10.07
N ALA A 227 -16.95 12.21 -10.05
CA ALA A 227 -17.35 11.21 -9.05
C ALA A 227 -16.29 10.13 -8.88
N LEU A 228 -15.93 9.48 -9.98
CA LEU A 228 -14.96 8.38 -9.99
C LEU A 228 -13.62 8.86 -9.45
N MET A 229 -13.21 10.04 -9.91
CA MET A 229 -11.95 10.64 -9.50
C MET A 229 -11.91 10.92 -8.00
N LEU A 230 -12.98 11.51 -7.47
CA LEU A 230 -13.03 11.81 -6.04
C LEU A 230 -13.18 10.53 -5.20
N PHE A 231 -14.14 9.68 -5.55
CA PHE A 231 -14.36 8.42 -4.82
C PHE A 231 -13.07 7.60 -4.65
N PHE A 232 -12.33 7.39 -5.74
CA PHE A 232 -11.16 6.50 -5.67
C PHE A 232 -9.98 7.11 -4.93
N THR A 233 -9.79 8.41 -5.11
CA THR A 233 -8.91 9.22 -4.28
C THR A 233 -9.24 9.00 -2.79
N GLU A 234 -10.51 9.14 -2.45
CA GLU A 234 -10.99 8.95 -1.06
C GLU A 234 -10.86 7.52 -0.51
N VAL A 235 -11.15 6.50 -1.31
CA VAL A 235 -10.92 5.12 -0.92
C VAL A 235 -9.46 4.88 -0.53
N ALA A 236 -8.54 5.20 -1.46
CA ALA A 236 -7.09 5.07 -1.22
C ALA A 236 -6.57 5.80 0.04
N GLN A 237 -7.21 6.91 0.39
CA GLN A 237 -6.88 7.69 1.58
C GLN A 237 -7.58 7.15 2.83
N GLY A 238 -8.44 6.15 2.66
CA GLY A 238 -9.17 5.56 3.79
C GLY A 238 -10.34 6.41 4.28
N LYS A 239 -10.79 7.34 3.44
CA LYS A 239 -11.92 8.23 3.74
C LYS A 239 -13.30 7.61 3.46
N ALA A 240 -13.32 6.44 2.81
CA ALA A 240 -14.58 5.72 2.53
C ALA A 240 -14.84 4.59 3.54
N GLY A 241 -14.05 4.55 4.60
CA GLY A 241 -14.18 3.53 5.65
C GLY A 241 -13.01 2.56 5.71
N ARG A 242 -12.96 1.80 6.80
CA ARG A 242 -11.99 0.74 6.97
C ARG A 242 -12.34 -0.44 6.10
N VAL A 243 -11.64 -0.58 4.97
CA VAL A 243 -12.00 -1.55 3.96
C VAL A 243 -10.73 -2.21 3.44
N SER A 244 -10.74 -3.53 3.31
CA SER A 244 -9.63 -4.25 2.69
C SER A 244 -10.11 -4.85 1.35
N PHE A 245 -9.17 -5.06 0.42
CA PHE A 245 -9.52 -5.39 -0.97
C PHE A 245 -9.10 -6.79 -1.36
N GLU A 246 -8.22 -7.37 -0.56
CA GLU A 246 -7.84 -8.76 -0.72
C GLU A 246 -7.97 -9.50 0.61
N ARG A 247 -8.34 -10.77 0.49
CA ARG A 247 -8.49 -11.69 1.61
C ARG A 247 -7.64 -12.91 1.26
N PRO A 248 -6.99 -13.54 2.25
CA PRO A 248 -6.25 -14.78 1.94
C PRO A 248 -7.13 -16.02 1.62
N GLU A 249 -8.40 -16.00 2.04
CA GLU A 249 -9.30 -17.18 1.98
C GLU A 249 -9.59 -17.93 0.65
N ASP A 250 -9.67 -17.26 -0.51
CA ASP A 250 -9.57 -15.82 -0.70
C ASP A 250 -10.83 -15.28 -1.42
#